data_7NDO
#
_entry.id   7NDO
#
_cell.length_a   48.581
_cell.length_b   51.787
_cell.length_c   57.513
_cell.angle_alpha   97.839
_cell.angle_beta   113.516
_cell.angle_gamma   110.417
#
_symmetry.space_group_name_H-M   'P 1'
#
loop_
_entity.id
_entity.type
_entity.pdbx_description
1 polymer 'Estrogen receptor'
2 non-polymer RALOXIFENE
3 non-polymer 1,2-ETHANEDIOL
4 non-polymer 'CHLORIDE ION'
5 water water
#
_entity_poly.entity_id   1
_entity_poly.type   'polypeptide(L)'
_entity_poly.pdbx_seq_one_letter_code
;SMNSLALSLTADQIISALLEAEPPILYSEYDPSRPFSEAYMMGLLTNLADRELVHMINWAKKVPGFVDLSRHDQVHLLES
AWLEILMIGLVWRSMDHPGKLLFAPDLLLDREQGKSVEGMVEIFDMLLATSERFREMKLQREEFVCLKAIILLNSGVYTF
LSSTLKSLENKEKIHRMLDKITDALIWYMAKSGLSLQQQHQRLAQLLLILSHIRHMSNKGMEHLYSMKSKNVVPSYDLLL
EMLDAHR
;
_entity_poly.pdbx_strand_id   A,B
#
loop_
_chem_comp.id
_chem_comp.type
_chem_comp.name
_chem_comp.formula
CL non-polymer 'CHLORIDE ION' 'Cl -1'
EDO non-polymer 1,2-ETHANEDIOL 'C2 H6 O2'
RAL non-polymer RALOXIFENE 'C28 H27 N O4 S'
#
# COMPACT_ATOMS: atom_id res chain seq x y z
N THR A 10 -4.90 -27.97 -1.01
CA THR A 10 -5.90 -27.44 -1.94
C THR A 10 -6.44 -26.11 -1.44
N ALA A 11 -7.16 -25.40 -2.32
CA ALA A 11 -7.73 -24.12 -1.95
C ALA A 11 -8.72 -24.26 -0.80
N ASP A 12 -9.58 -25.27 -0.86
CA ASP A 12 -10.54 -25.49 0.22
C ASP A 12 -9.83 -25.74 1.54
N GLN A 13 -8.69 -26.43 1.50
CA GLN A 13 -7.93 -26.67 2.73
C GLN A 13 -7.31 -25.39 3.27
N ILE A 14 -6.90 -24.47 2.39
CA ILE A 14 -6.36 -23.20 2.84
C ILE A 14 -7.44 -22.39 3.56
N ILE A 15 -8.62 -22.29 2.94
CA ILE A 15 -9.70 -21.48 3.51
C ILE A 15 -10.13 -22.05 4.85
N SER A 16 -10.37 -23.37 4.89
CA SER A 16 -10.79 -24.00 6.14
CA SER A 16 -10.79 -24.00 6.14
C SER A 16 -9.74 -23.82 7.22
N ALA A 17 -8.47 -23.94 6.86
CA ALA A 17 -7.40 -23.77 7.85
C ALA A 17 -7.39 -22.34 8.40
N LEU A 18 -7.57 -21.35 7.53
CA LEU A 18 -7.54 -19.97 7.99
C LEU A 18 -8.77 -19.65 8.83
N LEU A 19 -9.93 -20.19 8.47
CA LEU A 19 -11.12 -19.98 9.29
C LEU A 19 -10.93 -20.57 10.69
N GLU A 20 -10.39 -21.80 10.76
CA GLU A 20 -10.15 -22.44 12.05
C GLU A 20 -9.14 -21.68 12.89
N ALA A 21 -8.25 -20.93 12.26
CA ALA A 21 -7.18 -20.22 12.95
C ALA A 21 -7.60 -18.85 13.48
N GLU A 22 -8.82 -18.43 13.20
CA GLU A 22 -9.25 -17.09 13.60
C GLU A 22 -9.05 -16.89 15.10
N PRO A 23 -8.50 -15.76 15.53
CA PRO A 23 -8.26 -15.55 16.97
C PRO A 23 -9.57 -15.22 17.69
N PRO A 24 -9.58 -15.34 19.00
CA PRO A 24 -10.77 -14.95 19.77
C PRO A 24 -10.93 -13.44 19.80
N ILE A 25 -12.17 -13.01 20.02
CA ILE A 25 -12.46 -11.59 20.16
C ILE A 25 -12.28 -11.21 21.62
N LEU A 26 -11.31 -10.36 21.89
CA LEU A 26 -11.00 -10.00 23.27
C LEU A 26 -11.81 -8.79 23.71
N TYR A 27 -11.97 -8.67 25.03
CA TYR A 27 -12.64 -7.53 25.63
C TYR A 27 -11.62 -6.54 26.16
N SER A 28 -12.03 -5.27 26.22
CA SER A 28 -11.16 -4.20 26.67
C SER A 28 -11.11 -4.08 28.19
N GLU A 29 -12.06 -4.69 28.90
CA GLU A 29 -12.24 -4.50 30.34
C GLU A 29 -12.81 -3.12 30.66
N TYR A 30 -13.44 -2.48 29.67
CA TYR A 30 -14.02 -1.15 29.86
C TYR A 30 -14.95 -1.13 31.05
N ASP A 31 -14.76 -0.13 31.92
CA ASP A 31 -15.59 0.04 33.11
C ASP A 31 -16.36 1.36 32.99
N PRO A 32 -17.67 1.33 32.74
CA PRO A 32 -18.42 2.59 32.63
C PRO A 32 -18.40 3.43 33.90
N SER A 33 -18.02 2.87 35.04
CA SER A 33 -18.03 3.62 36.29
C SER A 33 -16.80 4.51 36.44
N ARG A 34 -15.73 4.26 35.68
CA ARG A 34 -14.54 5.08 35.79
C ARG A 34 -14.64 6.30 34.89
N PRO A 35 -14.08 7.45 35.30
CA PRO A 35 -14.01 8.60 34.38
C PRO A 35 -13.17 8.23 33.16
N PHE A 36 -13.76 8.40 31.98
CA PHE A 36 -13.14 7.98 30.73
C PHE A 36 -12.09 9.01 30.27
N SER A 37 -11.06 9.16 31.09
CA SER A 37 -9.95 10.03 30.74
C SER A 37 -9.19 9.46 29.55
N GLU A 38 -8.45 10.34 28.86
CA GLU A 38 -7.63 9.88 27.74
C GLU A 38 -6.65 8.81 28.19
N ALA A 39 -6.03 9.01 29.35
CA ALA A 39 -5.09 8.00 29.86
C ALA A 39 -5.79 6.67 30.08
N TYR A 40 -7.02 6.69 30.58
CA TYR A 40 -7.74 5.44 30.78
C TYR A 40 -8.08 4.77 29.45
N MET A 41 -8.54 5.55 28.48
CA MET A 41 -8.87 4.98 27.17
C MET A 41 -7.63 4.40 26.51
N MET A 42 -6.57 5.19 26.39
CA MET A 42 -5.34 4.69 25.78
C MET A 42 -4.80 3.47 26.52
N GLY A 43 -4.97 3.44 27.85
CA GLY A 43 -4.56 2.26 28.60
C GLY A 43 -5.36 1.03 28.20
N LEU A 44 -6.67 1.17 28.06
CA LEU A 44 -7.49 0.05 27.64
C LEU A 44 -7.08 -0.43 26.26
N LEU A 45 -6.88 0.50 25.33
CA LEU A 45 -6.51 0.13 23.96
C LEU A 45 -5.12 -0.48 23.90
N THR A 46 -4.18 0.07 24.70
CA THR A 46 -2.83 -0.48 24.72
C THR A 46 -2.82 -1.91 25.24
N ASN A 47 -3.47 -2.14 26.39
CA ASN A 47 -3.48 -3.48 26.96
C ASN A 47 -4.24 -4.45 26.07
N LEU A 48 -5.31 -3.98 25.41
CA LEU A 48 -6.03 -4.81 24.46
C LEU A 48 -5.12 -5.24 23.32
N ALA A 49 -4.41 -4.29 22.72
CA ALA A 49 -3.50 -4.64 21.64
C ALA A 49 -2.42 -5.60 22.13
N ASP A 50 -1.90 -5.37 23.34
CA ASP A 50 -0.90 -6.27 23.90
C ASP A 50 -1.44 -7.70 24.00
N ARG A 51 -2.67 -7.84 24.50
CA ARG A 51 -3.25 -9.18 24.63
C ARG A 51 -3.55 -9.80 23.27
N GLU A 52 -3.94 -8.98 22.29
CA GLU A 52 -4.19 -9.51 20.95
C GLU A 52 -2.92 -10.03 20.30
N LEU A 53 -1.77 -9.44 20.61
CA LEU A 53 -0.53 -9.85 19.93
C LEU A 53 -0.22 -11.31 20.20
N VAL A 54 -0.43 -11.78 21.43
CA VAL A 54 -0.18 -13.18 21.75
C VAL A 54 -0.99 -14.08 20.83
N HIS A 55 -2.28 -13.76 20.65
CA HIS A 55 -3.13 -14.56 19.77
C HIS A 55 -2.75 -14.38 18.30
N MET A 56 -2.18 -13.24 17.94
CA MET A 56 -1.73 -13.05 16.57
C MET A 56 -0.55 -13.99 16.25
N ILE A 57 0.31 -14.24 17.24
CA ILE A 57 1.42 -15.18 17.02
C ILE A 57 0.87 -16.59 16.79
N ASN A 58 -0.08 -17.01 17.63
CA ASN A 58 -0.69 -18.31 17.43
C ASN A 58 -1.30 -18.42 16.04
N TRP A 59 -2.01 -17.37 15.62
CA TRP A 59 -2.64 -17.36 14.30
C TRP A 59 -1.60 -17.42 13.19
N ALA A 60 -0.55 -16.61 13.30
CA ALA A 60 0.47 -16.58 12.25
C ALA A 60 1.05 -17.96 12.00
N LYS A 61 1.37 -18.69 13.06
CA LYS A 61 1.92 -20.03 12.90
C LYS A 61 0.95 -21.00 12.25
N LYS A 62 -0.33 -20.61 12.13
CA LYS A 62 -1.31 -21.44 11.42
C LYS A 62 -1.53 -21.00 9.98
N VAL A 63 -0.96 -19.87 9.58
CA VAL A 63 -1.02 -19.45 8.17
C VAL A 63 -0.18 -20.44 7.37
N PRO A 64 -0.73 -21.08 6.34
CA PRO A 64 0.02 -22.13 5.64
C PRO A 64 1.38 -21.63 5.17
N GLY A 65 2.42 -22.41 5.51
CA GLY A 65 3.79 -22.12 5.15
C GLY A 65 4.58 -21.36 6.20
N PHE A 66 3.92 -20.51 6.99
CA PHE A 66 4.63 -19.61 7.88
C PHE A 66 5.55 -20.37 8.83
N VAL A 67 5.13 -21.55 9.29
CA VAL A 67 5.95 -22.32 10.23
C VAL A 67 7.26 -22.75 9.58
N ASP A 68 7.28 -22.90 8.25
CA ASP A 68 8.47 -23.34 7.55
C ASP A 68 9.50 -22.25 7.34
N LEU A 69 9.23 -21.03 7.81
CA LEU A 69 10.18 -19.94 7.70
C LEU A 69 11.08 -19.87 8.92
N SER A 70 12.29 -19.34 8.72
CA SER A 70 13.21 -19.16 9.82
C SER A 70 12.66 -18.13 10.81
N ARG A 71 13.15 -18.22 12.05
CA ARG A 71 12.73 -17.25 13.07
C ARG A 71 12.95 -15.82 12.60
N HIS A 72 14.12 -15.54 12.03
CA HIS A 72 14.41 -14.19 11.59
C HIS A 72 13.36 -13.70 10.59
N ASP A 73 13.03 -14.53 9.61
CA ASP A 73 12.03 -14.14 8.62
C ASP A 73 10.66 -13.96 9.25
N GLN A 74 10.28 -14.89 10.14
CA GLN A 74 8.99 -14.76 10.82
C GLN A 74 8.90 -13.45 11.58
N VAL A 75 9.94 -13.11 12.35
CA VAL A 75 9.94 -11.87 13.12
C VAL A 75 9.84 -10.68 12.17
N HIS A 76 10.61 -10.68 11.10
CA HIS A 76 10.60 -9.55 10.18
C HIS A 76 9.21 -9.33 9.60
N LEU A 77 8.53 -10.41 9.22
CA LEU A 77 7.20 -10.28 8.66
C LEU A 77 6.21 -9.79 9.70
N LEU A 78 6.28 -10.32 10.93
CA LEU A 78 5.39 -9.84 11.98
C LEU A 78 5.67 -8.39 12.32
N GLU A 79 6.96 -8.01 12.40
CA GLU A 79 7.31 -6.63 12.68
C GLU A 79 6.65 -5.68 11.68
N SER A 80 6.70 -6.03 10.40
CA SER A 80 6.17 -5.14 9.38
CA SER A 80 6.17 -5.14 9.38
C SER A 80 4.63 -5.13 9.38
N ALA A 81 4.01 -6.24 9.71
CA ALA A 81 2.57 -6.39 9.47
C ALA A 81 1.67 -6.21 10.69
N TRP A 82 2.21 -6.18 11.91
CA TRP A 82 1.35 -6.38 13.08
C TRP A 82 0.26 -5.32 13.17
N LEU A 83 0.59 -4.05 12.93
CA LEU A 83 -0.43 -3.01 13.07
C LEU A 83 -1.47 -3.10 11.95
N GLU A 84 -1.04 -3.39 10.72
CA GLU A 84 -1.99 -3.60 9.64
C GLU A 84 -2.95 -4.74 9.98
N ILE A 85 -2.43 -5.79 10.62
CA ILE A 85 -3.26 -6.94 10.97
C ILE A 85 -4.26 -6.56 12.05
N LEU A 86 -3.83 -5.79 13.06
CA LEU A 86 -4.78 -5.30 14.05
C LEU A 86 -5.84 -4.41 13.40
N MET A 87 -5.43 -3.57 12.45
CA MET A 87 -6.36 -2.62 11.85
C MET A 87 -7.40 -3.33 10.99
N ILE A 88 -6.96 -4.27 10.14
CA ILE A 88 -7.95 -4.97 9.31
C ILE A 88 -8.91 -5.76 10.20
N GLY A 89 -8.43 -6.29 11.32
CA GLY A 89 -9.33 -6.93 12.26
C GLY A 89 -10.34 -5.95 12.80
N LEU A 90 -9.88 -4.75 13.17
CA LEU A 90 -10.78 -3.72 13.69
C LEU A 90 -11.82 -3.34 12.64
N VAL A 91 -11.37 -3.15 11.40
CA VAL A 91 -12.30 -2.78 10.33
C VAL A 91 -13.34 -3.87 10.13
N TRP A 92 -12.90 -5.14 10.15
CA TRP A 92 -13.83 -6.25 10.00
C TRP A 92 -14.87 -6.27 11.12
N ARG A 93 -14.42 -6.16 12.37
CA ARG A 93 -15.35 -6.17 13.49
C ARG A 93 -16.32 -5.00 13.42
N SER A 94 -15.99 -3.94 12.70
CA SER A 94 -16.75 -2.70 12.73
C SER A 94 -17.74 -2.57 11.58
N MET A 95 -17.74 -3.47 10.60
CA MET A 95 -18.59 -3.24 9.45
C MET A 95 -20.07 -3.52 9.71
N ASP A 96 -20.42 -4.05 10.87
CA ASP A 96 -21.82 -4.15 11.29
C ASP A 96 -22.26 -2.94 12.12
N HIS A 97 -21.39 -1.95 12.30
CA HIS A 97 -21.64 -0.81 13.18
C HIS A 97 -21.26 0.47 12.47
N PRO A 98 -22.10 0.91 11.52
CA PRO A 98 -21.78 2.13 10.76
C PRO A 98 -21.46 3.30 11.67
N GLY A 99 -20.39 4.01 11.34
CA GLY A 99 -19.97 5.18 12.10
C GLY A 99 -19.26 4.89 13.39
N LYS A 100 -19.02 3.62 13.71
CA LYS A 100 -18.37 3.22 14.95
C LYS A 100 -17.22 2.29 14.67
N LEU A 101 -16.22 2.33 15.55
CA LEU A 101 -15.10 1.39 15.53
C LEU A 101 -15.24 0.46 16.72
N LEU A 102 -15.34 -0.84 16.46
CA LEU A 102 -15.56 -1.83 17.50
C LEU A 102 -14.22 -2.40 17.91
N PHE A 103 -13.49 -1.63 18.71
CA PHE A 103 -12.21 -2.11 19.23
C PHE A 103 -12.42 -3.40 20.01
N ALA A 104 -13.48 -3.47 20.81
CA ALA A 104 -13.90 -4.69 21.49
C ALA A 104 -15.40 -4.61 21.67
N PRO A 105 -16.06 -5.74 21.99
CA PRO A 105 -17.52 -5.69 22.17
C PRO A 105 -17.95 -4.74 23.26
N ASP A 106 -17.07 -4.44 24.22
CA ASP A 106 -17.38 -3.50 25.29
C ASP A 106 -16.72 -2.14 25.09
N LEU A 107 -16.17 -1.88 23.88
CA LEU A 107 -15.52 -0.59 23.59
C LEU A 107 -15.82 -0.24 22.13
N LEU A 108 -16.99 0.36 21.92
CA LEU A 108 -17.45 0.81 20.60
C LEU A 108 -17.36 2.33 20.60
N LEU A 109 -16.47 2.87 19.78
CA LEU A 109 -16.15 4.29 19.79
C LEU A 109 -16.61 4.96 18.49
N ASP A 110 -17.10 6.19 18.62
CA ASP A 110 -17.48 7.00 17.46
C ASP A 110 -16.38 8.01 17.18
N ARG A 111 -16.59 8.81 16.13
CA ARG A 111 -15.58 9.79 15.73
C ARG A 111 -15.32 10.79 16.83
N GLU A 112 -16.35 11.21 17.55
CA GLU A 112 -16.18 12.18 18.63
C GLU A 112 -15.20 11.66 19.69
N GLN A 113 -15.36 10.39 20.08
CA GLN A 113 -14.49 9.83 21.12
C GLN A 113 -13.05 9.70 20.64
N GLY A 114 -12.80 9.72 19.33
CA GLY A 114 -11.44 9.76 18.84
C GLY A 114 -10.77 11.10 18.96
N LYS A 115 -11.55 12.18 19.07
CA LYS A 115 -10.99 13.51 19.23
C LYS A 115 -10.23 13.67 20.54
N SER A 116 -10.55 12.86 21.55
CA SER A 116 -9.84 12.97 22.82
C SER A 116 -8.35 12.69 22.67
N VAL A 117 -7.98 11.81 21.73
CA VAL A 117 -6.57 11.53 21.45
C VAL A 117 -6.07 12.54 20.43
N GLU A 118 -4.89 13.09 20.68
CA GLU A 118 -4.33 14.09 19.78
C GLU A 118 -3.82 13.44 18.51
N GLY A 119 -4.31 13.92 17.36
CA GLY A 119 -3.87 13.40 16.08
C GLY A 119 -4.43 12.05 15.72
N MET A 120 -5.55 11.64 16.32
CA MET A 120 -6.15 10.34 16.08
C MET A 120 -7.40 10.39 15.22
N VAL A 121 -8.05 11.54 15.10
CA VAL A 121 -9.29 11.63 14.34
C VAL A 121 -9.04 11.31 12.87
N GLU A 122 -7.87 11.72 12.35
CA GLU A 122 -7.55 11.42 10.96
C GLU A 122 -7.52 9.92 10.73
N ILE A 123 -6.80 9.18 11.57
CA ILE A 123 -6.75 7.73 11.43
C ILE A 123 -8.14 7.14 11.66
N PHE A 124 -8.88 7.68 12.63
CA PHE A 124 -10.22 7.19 12.91
C PHE A 124 -11.09 7.23 11.66
N ASP A 125 -11.10 8.36 10.97
CA ASP A 125 -11.95 8.50 9.78
C ASP A 125 -11.52 7.53 8.69
N MET A 126 -10.21 7.34 8.50
CA MET A 126 -9.75 6.39 7.51
C MET A 126 -10.23 4.98 7.82
N LEU A 127 -10.14 4.58 9.09
CA LEU A 127 -10.62 3.26 9.49
C LEU A 127 -12.12 3.13 9.27
N LEU A 128 -12.88 4.17 9.65
CA LEU A 128 -14.32 4.16 9.43
C LEU A 128 -14.65 4.04 7.95
N ALA A 129 -13.95 4.79 7.10
CA ALA A 129 -14.20 4.71 5.67
C ALA A 129 -13.83 3.33 5.12
N THR A 130 -12.78 2.71 5.67
CA THR A 130 -12.43 1.36 5.23
C THR A 130 -13.51 0.36 5.62
N SER A 131 -14.08 0.52 6.82
CA SER A 131 -15.17 -0.38 7.23
C SER A 131 -16.38 -0.19 6.32
N GLU A 132 -16.67 1.05 5.92
CA GLU A 132 -17.75 1.29 4.99
C GLU A 132 -17.49 0.63 3.65
N ARG A 133 -16.24 0.71 3.17
CA ARG A 133 -15.86 0.05 1.93
C ARG A 133 -16.12 -1.44 2.01
N PHE A 134 -15.65 -2.09 3.08
CA PHE A 134 -15.89 -3.52 3.23
C PHE A 134 -17.39 -3.82 3.26
N ARG A 135 -18.16 -2.97 3.95
CA ARG A 135 -19.61 -3.19 4.02
C ARG A 135 -20.23 -3.08 2.63
N GLU A 136 -19.85 -2.05 1.87
CA GLU A 136 -20.39 -1.87 0.54
C GLU A 136 -20.10 -3.08 -0.35
N MET A 137 -18.87 -3.62 -0.26
CA MET A 137 -18.47 -4.75 -1.08
C MET A 137 -19.00 -6.08 -0.57
N LYS A 138 -19.67 -6.10 0.58
CA LYS A 138 -20.16 -7.34 1.18
C LYS A 138 -19.02 -8.34 1.37
N LEU A 139 -17.93 -7.87 1.95
CA LEU A 139 -16.78 -8.73 2.21
C LEU A 139 -17.20 -9.92 3.06
N GLN A 140 -16.81 -11.11 2.63
CA GLN A 140 -17.12 -12.36 3.31
C GLN A 140 -15.96 -12.76 4.21
N ARG A 141 -16.28 -13.53 5.25
CA ARG A 141 -15.24 -13.96 6.19
C ARG A 141 -14.12 -14.70 5.47
N GLU A 142 -14.47 -15.54 4.49
CA GLU A 142 -13.46 -16.29 3.75
C GLU A 142 -12.48 -15.36 3.04
N GLU A 143 -12.98 -14.26 2.50
CA GLU A 143 -12.10 -13.28 1.84
C GLU A 143 -11.27 -12.54 2.88
N PHE A 144 -11.87 -12.20 4.01
CA PHE A 144 -11.17 -11.47 5.06
C PHE A 144 -9.95 -12.23 5.56
N VAL A 145 -10.10 -13.53 5.82
CA VAL A 145 -8.98 -14.27 6.39
C VAL A 145 -7.86 -14.41 5.35
N CYS A 146 -8.21 -14.50 4.07
CA CYS A 146 -7.19 -14.52 3.03
C CYS A 146 -6.43 -13.20 2.99
N LEU A 147 -7.14 -12.08 3.12
CA LEU A 147 -6.48 -10.78 3.09
C LEU A 147 -5.53 -10.62 4.26
N LYS A 148 -5.93 -11.06 5.46
CA LYS A 148 -5.07 -10.96 6.63
C LYS A 148 -3.80 -11.78 6.43
N ALA A 149 -3.92 -12.97 5.85
CA ALA A 149 -2.75 -13.79 5.59
C ALA A 149 -1.85 -13.16 4.53
N ILE A 150 -2.46 -12.52 3.53
CA ILE A 150 -1.67 -11.82 2.51
C ILE A 150 -0.87 -10.68 3.14
N ILE A 151 -1.50 -9.94 4.05
CA ILE A 151 -0.79 -8.86 4.73
C ILE A 151 0.43 -9.39 5.45
N LEU A 152 0.27 -10.52 6.15
CA LEU A 152 1.39 -11.08 6.90
C LEU A 152 2.54 -11.47 5.98
N LEU A 153 2.23 -12.08 4.84
CA LEU A 153 3.26 -12.60 3.95
C LEU A 153 3.81 -11.55 2.99
N ASN A 154 3.19 -10.38 2.88
CA ASN A 154 3.60 -9.40 1.89
C ASN A 154 4.19 -8.12 2.46
N SER A 155 3.76 -7.69 3.65
CA SER A 155 4.13 -6.36 4.13
CA SER A 155 4.13 -6.36 4.13
C SER A 155 5.64 -6.22 4.28
N GLY A 156 6.32 -7.27 4.73
CA GLY A 156 7.74 -7.21 4.98
C GLY A 156 8.62 -7.86 3.94
N VAL A 157 8.06 -8.37 2.84
CA VAL A 157 8.84 -9.16 1.89
C VAL A 157 9.78 -8.29 1.05
N TYR A 158 9.48 -7.00 0.92
CA TYR A 158 10.33 -6.10 0.15
C TYR A 158 11.20 -5.20 1.04
N THR A 159 11.34 -5.56 2.32
CA THR A 159 12.22 -4.84 3.23
C THR A 159 13.28 -5.76 3.84
N PHE A 160 13.37 -7.01 3.38
CA PHE A 160 14.37 -7.94 3.90
C PHE A 160 15.78 -7.39 3.67
N LYS A 166 20.89 -18.12 -0.56
CA LYS A 166 19.98 -18.56 0.50
C LYS A 166 18.82 -17.59 0.66
N SER A 167 19.16 -16.30 0.80
CA SER A 167 18.12 -15.30 1.03
C SER A 167 17.18 -15.18 -0.17
N LEU A 168 17.73 -15.26 -1.38
CA LEU A 168 16.90 -15.19 -2.57
C LEU A 168 15.90 -16.33 -2.60
N GLU A 169 16.32 -17.53 -2.21
CA GLU A 169 15.40 -18.66 -2.16
C GLU A 169 14.35 -18.46 -1.09
N ASN A 170 14.73 -17.91 0.06
CA ASN A 170 13.76 -17.64 1.12
C ASN A 170 12.73 -16.62 0.65
N LYS A 171 13.15 -15.59 -0.08
CA LYS A 171 12.22 -14.63 -0.63
C LYS A 171 11.24 -15.32 -1.58
N GLU A 172 11.76 -16.11 -2.52
CA GLU A 172 10.89 -16.80 -3.47
C GLU A 172 9.97 -17.79 -2.76
N LYS A 173 10.43 -18.38 -1.66
CA LYS A 173 9.57 -19.29 -0.90
C LYS A 173 8.38 -18.54 -0.33
N ILE A 174 8.59 -17.32 0.18
CA ILE A 174 7.49 -16.54 0.71
C ILE A 174 6.55 -16.12 -0.41
N HIS A 175 7.10 -15.84 -1.61
CA HIS A 175 6.25 -15.51 -2.75
C HIS A 175 5.32 -16.67 -3.08
N ARG A 176 5.85 -17.90 -3.09
CA ARG A 176 5.01 -19.05 -3.41
C ARG A 176 3.93 -19.23 -2.36
N MET A 177 4.26 -19.00 -1.08
CA MET A 177 3.24 -19.07 -0.04
C MET A 177 2.14 -18.05 -0.29
N LEU A 178 2.50 -16.83 -0.66
CA LEU A 178 1.52 -15.82 -1.03
C LEU A 178 0.63 -16.33 -2.16
N ASP A 179 1.24 -16.85 -3.23
CA ASP A 179 0.47 -17.28 -4.39
C ASP A 179 -0.57 -18.34 -4.02
N LYS A 180 -0.27 -19.20 -3.05
CA LYS A 180 -1.24 -20.20 -2.65
C LYS A 180 -2.45 -19.56 -1.98
N ILE A 181 -2.26 -18.43 -1.30
CA ILE A 181 -3.39 -17.73 -0.70
CA ILE A 181 -3.39 -17.73 -0.70
C ILE A 181 -4.19 -17.00 -1.77
N THR A 182 -3.50 -16.38 -2.73
CA THR A 182 -4.19 -15.77 -3.86
C THR A 182 -5.06 -16.80 -4.57
N ASP A 183 -4.49 -17.99 -4.85
CA ASP A 183 -5.27 -19.05 -5.48
C ASP A 183 -6.51 -19.36 -4.67
N ALA A 184 -6.37 -19.45 -3.34
CA ALA A 184 -7.52 -19.79 -2.50
C ALA A 184 -8.55 -18.67 -2.51
N LEU A 185 -8.10 -17.41 -2.50
CA LEU A 185 -9.03 -16.29 -2.52
C LEU A 185 -9.84 -16.27 -3.82
N ILE A 186 -9.18 -16.49 -4.96
CA ILE A 186 -9.88 -16.55 -6.23
C ILE A 186 -10.79 -17.77 -6.28
N TRP A 187 -10.32 -18.89 -5.76
CA TRP A 187 -11.15 -20.09 -5.72
C TRP A 187 -12.45 -19.84 -4.98
N TYR A 188 -12.37 -19.18 -3.82
CA TYR A 188 -13.59 -18.88 -3.07
C TYR A 188 -14.56 -18.03 -3.91
N MET A 189 -14.03 -17.00 -4.56
CA MET A 189 -14.88 -16.16 -5.42
C MET A 189 -15.51 -16.99 -6.52
N ALA A 190 -14.72 -17.89 -7.14
CA ALA A 190 -15.26 -18.73 -8.20
C ALA A 190 -16.33 -19.67 -7.66
N LYS A 191 -16.14 -20.19 -6.45
CA LYS A 191 -17.15 -21.05 -5.85
C LYS A 191 -18.41 -20.26 -5.51
N SER A 192 -18.27 -18.97 -5.18
CA SER A 192 -19.40 -18.14 -4.85
C SER A 192 -20.21 -17.72 -6.07
N GLY A 193 -19.73 -18.01 -7.28
CA GLY A 193 -20.48 -17.77 -8.49
C GLY A 193 -20.03 -16.59 -9.32
N LEU A 194 -18.99 -15.88 -8.92
CA LEU A 194 -18.53 -14.74 -9.69
C LEU A 194 -17.98 -15.20 -11.03
N SER A 195 -18.26 -14.42 -12.08
CA SER A 195 -17.66 -14.65 -13.37
C SER A 195 -16.15 -14.37 -13.31
N LEU A 196 -15.44 -14.86 -14.34
CA LEU A 196 -14.00 -14.62 -14.39
C LEU A 196 -13.69 -13.12 -14.32
N GLN A 197 -14.44 -12.31 -15.06
CA GLN A 197 -14.20 -10.86 -15.02
C GLN A 197 -14.46 -10.30 -13.63
N GLN A 198 -15.55 -10.74 -13.00
CA GLN A 198 -15.85 -10.27 -11.65
C GLN A 198 -14.80 -10.75 -10.66
N GLN A 199 -14.23 -11.94 -10.88
CA GLN A 199 -13.19 -12.45 -10.00
C GLN A 199 -11.97 -11.53 -10.02
N HIS A 200 -11.46 -11.20 -11.22
CA HIS A 200 -10.27 -10.36 -11.30
CA HIS A 200 -10.24 -10.38 -11.23
C HIS A 200 -10.55 -8.94 -10.83
N GLN A 201 -11.77 -8.45 -11.09
CA GLN A 201 -12.12 -7.11 -10.64
C GLN A 201 -12.17 -7.04 -9.11
N ARG A 202 -12.84 -8.02 -8.48
CA ARG A 202 -12.94 -8.02 -7.03
C ARG A 202 -11.59 -8.26 -6.37
N LEU A 203 -10.77 -9.15 -6.94
CA LEU A 203 -9.42 -9.34 -6.41
C LEU A 203 -8.65 -8.03 -6.41
N ALA A 204 -8.68 -7.31 -7.54
CA ALA A 204 -7.97 -6.05 -7.61
C ALA A 204 -8.52 -5.04 -6.63
N GLN A 205 -9.85 -4.96 -6.50
CA GLN A 205 -10.46 -4.02 -5.57
C GLN A 205 -9.98 -4.27 -4.15
N LEU A 206 -9.90 -5.54 -3.75
CA LEU A 206 -9.50 -5.87 -2.39
C LEU A 206 -8.02 -5.59 -2.15
N LEU A 207 -7.17 -5.91 -3.13
CA LEU A 207 -5.74 -5.67 -2.96
C LEU A 207 -5.43 -4.18 -2.97
N LEU A 208 -6.22 -3.37 -3.69
CA LEU A 208 -6.04 -1.93 -3.64
C LEU A 208 -6.47 -1.37 -2.29
N ILE A 209 -7.47 -1.98 -1.65
CA ILE A 209 -7.81 -1.56 -0.29
C ILE A 209 -6.64 -1.84 0.65
N LEU A 210 -5.89 -2.92 0.40
CA LEU A 210 -4.76 -3.22 1.26
C LEU A 210 -3.71 -2.12 1.23
N SER A 211 -3.53 -1.47 0.09
CA SER A 211 -2.60 -0.36 0.02
CA SER A 211 -2.60 -0.36 0.02
C SER A 211 -3.04 0.79 0.92
N HIS A 212 -4.35 0.98 1.08
CA HIS A 212 -4.84 2.02 1.98
C HIS A 212 -4.67 1.61 3.44
N ILE A 213 -4.86 0.33 3.75
CA ILE A 213 -4.60 -0.15 5.10
C ILE A 213 -3.13 0.00 5.45
N ARG A 214 -2.24 -0.24 4.46
CA ARG A 214 -0.83 0.05 4.66
C ARG A 214 -0.63 1.53 4.99
N HIS A 215 -1.28 2.41 4.23
CA HIS A 215 -1.18 3.84 4.50
C HIS A 215 -1.64 4.15 5.92
N MET A 216 -2.77 3.57 6.33
CA MET A 216 -3.28 3.81 7.68
C MET A 216 -2.30 3.33 8.73
N SER A 217 -1.71 2.15 8.52
CA SER A 217 -0.70 1.66 9.45
C SER A 217 0.48 2.62 9.55
N ASN A 218 0.98 3.10 8.39
CA ASN A 218 2.09 4.04 8.42
C ASN A 218 1.73 5.30 9.21
N LYS A 219 0.54 5.85 8.96
CA LYS A 219 0.15 7.06 9.68
C LYS A 219 -0.11 6.76 11.15
N GLY A 220 -0.61 5.57 11.47
CA GLY A 220 -0.75 5.18 12.86
C GLY A 220 0.59 5.07 13.57
N MET A 221 1.59 4.51 12.87
CA MET A 221 2.93 4.40 13.45
C MET A 221 3.48 5.79 13.78
N GLU A 222 3.40 6.72 12.83
CA GLU A 222 3.84 8.08 13.09
C GLU A 222 3.08 8.69 14.27
N HIS A 223 1.80 8.35 14.40
CA HIS A 223 1.00 8.88 15.49
C HIS A 223 1.33 8.23 16.83
N LEU A 224 1.83 6.99 16.81
CA LEU A 224 2.18 6.31 18.05
C LEU A 224 3.56 6.74 18.55
N TYR A 225 4.55 6.80 17.65
CA TYR A 225 5.88 7.25 18.03
C TYR A 225 5.83 8.69 18.55
N SER A 226 5.27 9.60 17.76
CA SER A 226 5.17 10.99 18.19
C SER A 226 4.45 11.12 19.51
N MET A 227 3.49 10.23 19.79
CA MET A 227 2.78 10.22 21.06
C MET A 227 3.69 9.89 22.24
N LYS A 228 4.90 9.42 21.98
CA LYS A 228 5.82 8.98 23.03
C LYS A 228 5.32 7.73 23.76
N SER A 229 4.44 6.98 23.12
CA SER A 229 3.81 5.84 23.78
C SER A 229 4.87 4.82 24.21
N LYS A 230 4.58 4.12 25.30
CA LYS A 230 5.46 3.08 25.81
C LYS A 230 5.36 1.84 24.94
N ASN A 231 6.51 1.31 24.53
CA ASN A 231 6.57 0.12 23.69
C ASN A 231 5.71 0.30 22.44
N VAL A 232 6.05 1.34 21.67
CA VAL A 232 5.31 1.64 20.46
C VAL A 232 5.27 0.42 19.55
N VAL A 233 6.43 -0.16 19.27
CA VAL A 233 6.52 -1.33 18.39
C VAL A 233 6.88 -2.55 19.23
N PRO A 234 6.39 -3.74 18.88
CA PRO A 234 6.94 -4.97 19.49
C PRO A 234 8.38 -5.18 19.04
N SER A 235 9.34 -4.88 19.90
CA SER A 235 10.75 -4.95 19.54
C SER A 235 11.07 -6.30 18.90
N TYR A 236 12.19 -6.35 18.17
CA TYR A 236 12.60 -7.59 17.53
C TYR A 236 12.72 -8.72 18.55
N ASP A 237 13.40 -8.45 19.67
CA ASP A 237 13.61 -9.49 20.67
C ASP A 237 12.30 -9.92 21.31
N LEU A 238 11.34 -9.01 21.44
CA LEU A 238 10.05 -9.39 22.01
C LEU A 238 9.34 -10.39 21.11
N LEU A 239 9.19 -10.06 19.82
CA LEU A 239 8.57 -10.99 18.89
C LEU A 239 9.36 -12.29 18.81
N LEU A 240 10.69 -12.19 18.77
CA LEU A 240 11.52 -13.39 18.72
C LEU A 240 11.21 -14.32 19.88
N GLU A 241 11.01 -13.77 21.08
CA GLU A 241 10.73 -14.61 22.23
C GLU A 241 9.34 -15.21 22.18
N MET A 242 8.36 -14.46 21.66
CA MET A 242 6.99 -14.98 21.59
C MET A 242 6.87 -16.12 20.59
N LEU A 243 7.74 -16.16 19.57
CA LEU A 243 7.71 -17.24 18.60
C LEU A 243 8.17 -18.58 19.21
N ASP A 244 8.85 -18.55 20.35
CA ASP A 244 9.27 -19.78 21.02
C ASP A 244 8.29 -20.23 22.09
N ALA A 245 7.23 -19.47 22.36
CA ALA A 245 6.26 -19.88 23.36
C ALA A 245 5.62 -21.23 23.00
N HIS A 246 5.34 -21.44 21.71
CA HIS A 246 4.74 -22.69 21.26
C HIS A 246 5.25 -23.05 19.87
N LEU B 9 -13.64 2.52 -23.95
CA LEU B 9 -12.41 2.09 -24.60
C LEU B 9 -12.12 0.62 -24.29
N THR B 10 -11.85 -0.17 -25.33
CA THR B 10 -11.41 -1.53 -25.13
C THR B 10 -10.05 -1.53 -24.42
N ALA B 11 -9.65 -2.72 -23.95
CA ALA B 11 -8.43 -2.82 -23.16
C ALA B 11 -7.22 -2.32 -23.96
N ASP B 12 -7.15 -2.65 -25.24
CA ASP B 12 -6.01 -2.20 -26.04
C ASP B 12 -6.00 -0.69 -26.19
N GLN B 13 -7.17 -0.06 -26.26
CA GLN B 13 -7.22 1.39 -26.41
C GLN B 13 -6.72 2.09 -25.15
N ILE B 14 -7.01 1.53 -23.98
CA ILE B 14 -6.49 2.09 -22.74
C ILE B 14 -4.96 1.99 -22.72
N ILE B 15 -4.44 0.80 -23.03
CA ILE B 15 -2.99 0.61 -23.01
C ILE B 15 -2.32 1.51 -24.06
N SER B 16 -2.89 1.56 -25.27
CA SER B 16 -2.33 2.41 -26.31
CA SER B 16 -2.33 2.41 -26.31
C SER B 16 -2.25 3.87 -25.86
N ALA B 17 -3.33 4.37 -25.24
CA ALA B 17 -3.34 5.75 -24.78
C ALA B 17 -2.27 5.98 -23.71
N LEU B 18 -2.13 5.04 -22.78
CA LEU B 18 -1.14 5.20 -21.72
C LEU B 18 0.27 5.15 -22.28
N LEU B 19 0.56 4.24 -23.21
CA LEU B 19 1.88 4.19 -23.81
C LEU B 19 2.20 5.51 -24.53
N GLU B 20 1.25 6.02 -25.31
CA GLU B 20 1.50 7.27 -26.03
C GLU B 20 1.71 8.44 -25.09
N ALA B 21 1.15 8.37 -23.89
CA ALA B 21 1.23 9.45 -22.90
C ALA B 21 2.50 9.39 -22.06
N GLU B 22 3.37 8.43 -22.26
CA GLU B 22 4.54 8.30 -21.42
C GLU B 22 5.36 9.60 -21.43
N PRO B 23 5.83 10.05 -20.28
CA PRO B 23 6.57 11.31 -20.22
C PRO B 23 7.98 11.15 -20.75
N PRO B 24 8.64 12.24 -21.11
CA PRO B 24 10.04 12.15 -21.52
C PRO B 24 10.95 11.88 -20.33
N ILE B 25 12.13 11.35 -20.63
CA ILE B 25 13.15 11.11 -19.61
C ILE B 25 14.01 12.38 -19.53
N LEU B 26 14.01 13.01 -18.36
CA LEU B 26 14.72 14.26 -18.18
C LEU B 26 16.12 14.00 -17.62
N TYR B 27 17.00 14.98 -17.84
CA TYR B 27 18.34 14.97 -17.29
C TYR B 27 18.42 15.78 -16.01
N SER B 28 19.37 15.42 -15.15
CA SER B 28 19.54 16.12 -13.88
C SER B 28 20.38 17.38 -13.99
N GLU B 29 21.10 17.57 -15.10
CA GLU B 29 22.05 18.66 -15.27
C GLU B 29 23.30 18.47 -14.40
N TYR B 30 23.56 17.23 -14.01
CA TYR B 30 24.75 16.89 -13.24
C TYR B 30 26.00 17.44 -13.90
N ASP B 31 26.87 18.04 -13.08
CA ASP B 31 28.15 18.60 -13.52
C ASP B 31 29.27 17.87 -12.80
N PRO B 32 30.07 17.04 -13.48
CA PRO B 32 31.13 16.31 -12.77
C PRO B 32 32.17 17.20 -12.11
N SER B 33 32.28 18.47 -12.52
CA SER B 33 33.30 19.35 -11.95
C SER B 33 32.89 19.88 -10.60
N ARG B 34 31.60 19.92 -10.28
CA ARG B 34 31.14 20.45 -9.00
C ARG B 34 31.46 19.46 -7.88
N PRO B 35 31.87 19.95 -6.70
CA PRO B 35 31.99 19.07 -5.55
C PRO B 35 30.66 18.38 -5.28
N PHE B 36 30.68 17.06 -5.19
CA PHE B 36 29.45 16.28 -5.06
C PHE B 36 29.06 16.18 -3.58
N SER B 37 28.66 17.33 -3.04
CA SER B 37 28.24 17.41 -1.65
C SER B 37 26.81 16.87 -1.49
N GLU B 38 26.40 16.73 -0.23
CA GLU B 38 25.02 16.34 0.04
C GLU B 38 24.06 17.39 -0.50
N ALA B 39 24.36 18.68 -0.28
CA ALA B 39 23.47 19.73 -0.74
C ALA B 39 23.41 19.77 -2.26
N TYR B 40 24.53 19.52 -2.93
CA TYR B 40 24.53 19.49 -4.39
C TYR B 40 23.71 18.32 -4.90
N MET B 41 23.92 17.13 -4.35
CA MET B 41 23.13 15.97 -4.78
C MET B 41 21.64 16.22 -4.57
N MET B 42 21.25 16.67 -3.38
CA MET B 42 19.83 16.91 -3.14
C MET B 42 19.29 18.02 -4.02
N GLY B 43 20.11 19.03 -4.33
CA GLY B 43 19.66 20.07 -5.24
C GLY B 43 19.36 19.55 -6.63
N LEU B 44 20.21 18.64 -7.13
CA LEU B 44 19.93 18.02 -8.42
C LEU B 44 18.63 17.23 -8.38
N LEU B 45 18.45 16.42 -7.32
CA LEU B 45 17.25 15.61 -7.22
C LEU B 45 16.01 16.46 -7.07
N THR B 46 16.12 17.58 -6.34
CA THR B 46 14.98 18.46 -6.14
C THR B 46 14.56 19.13 -7.45
N ASN B 47 15.52 19.66 -8.20
CA ASN B 47 15.18 20.32 -9.47
C ASN B 47 14.67 19.32 -10.49
N LEU B 48 15.22 18.11 -10.48
CA LEU B 48 14.71 17.06 -11.37
C LEU B 48 13.25 16.75 -11.07
N ALA B 49 12.94 16.49 -9.80
CA ALA B 49 11.56 16.20 -9.43
C ALA B 49 10.64 17.36 -9.80
N ASP B 50 11.08 18.59 -9.58
CA ASP B 50 10.24 19.75 -9.90
C ASP B 50 9.95 19.83 -11.40
N ARG B 51 10.96 19.54 -12.22
CA ARG B 51 10.74 19.55 -13.67
C ARG B 51 9.90 18.37 -14.13
N GLU B 52 10.02 17.23 -13.46
CA GLU B 52 9.20 16.08 -13.81
C GLU B 52 7.72 16.31 -13.50
N LEU B 53 7.42 17.13 -12.49
CA LEU B 53 6.03 17.33 -12.09
C LEU B 53 5.19 17.86 -13.25
N VAL B 54 5.70 18.86 -13.98
CA VAL B 54 4.95 19.42 -15.09
C VAL B 54 4.55 18.34 -16.08
N HIS B 55 5.51 17.47 -16.43
CA HIS B 55 5.22 16.39 -17.36
C HIS B 55 4.27 15.37 -16.76
N MET B 56 4.28 15.21 -15.42
CA MET B 56 3.34 14.30 -14.78
C MET B 56 1.91 14.80 -14.95
N ILE B 57 1.70 16.12 -14.86
CA ILE B 57 0.36 16.66 -15.03
C ILE B 57 -0.12 16.42 -16.46
N ASN B 58 0.78 16.60 -17.43
CA ASN B 58 0.39 16.35 -18.83
C ASN B 58 0.04 14.88 -19.04
N TRP B 59 0.80 14.00 -18.40
CA TRP B 59 0.52 12.58 -18.49
C TRP B 59 -0.83 12.26 -17.86
N ALA B 60 -1.10 12.83 -16.69
CA ALA B 60 -2.35 12.53 -15.99
C ALA B 60 -3.56 12.89 -16.85
N LYS B 61 -3.51 14.05 -17.51
CA LYS B 61 -4.63 14.48 -18.34
C LYS B 61 -4.89 13.55 -19.51
N LYS B 62 -3.95 12.68 -19.84
CA LYS B 62 -4.14 11.69 -20.91
C LYS B 62 -4.54 10.31 -20.37
N VAL B 63 -4.52 10.11 -19.07
CA VAL B 63 -5.05 8.87 -18.47
C VAL B 63 -6.54 8.82 -18.80
N PRO B 64 -7.02 7.76 -19.48
CA PRO B 64 -8.43 7.75 -19.88
C PRO B 64 -9.38 8.02 -18.74
N GLY B 65 -10.22 9.05 -18.90
CA GLY B 65 -11.23 9.40 -17.93
C GLY B 65 -10.82 10.43 -16.91
N PHE B 66 -9.51 10.70 -16.76
CA PHE B 66 -9.04 11.57 -15.70
C PHE B 66 -9.65 12.97 -15.81
N VAL B 67 -9.66 13.54 -17.02
CA VAL B 67 -10.15 14.90 -17.19
C VAL B 67 -11.66 15.00 -17.05
N ASP B 68 -12.38 13.87 -17.03
CA ASP B 68 -13.81 13.87 -16.75
C ASP B 68 -14.11 13.93 -15.26
N LEU B 69 -13.12 13.72 -14.40
CA LEU B 69 -13.28 13.97 -12.98
C LEU B 69 -13.29 15.49 -12.74
N SER B 70 -13.86 15.88 -11.60
CA SER B 70 -13.84 17.30 -11.25
C SER B 70 -12.39 17.77 -11.14
N ARG B 71 -12.18 19.06 -11.40
CA ARG B 71 -10.84 19.62 -11.25
C ARG B 71 -10.35 19.48 -9.82
N HIS B 72 -11.24 19.62 -8.84
CA HIS B 72 -10.85 19.38 -7.45
C HIS B 72 -10.29 17.97 -7.28
N ASP B 73 -11.00 16.97 -7.82
CA ASP B 73 -10.55 15.59 -7.67
C ASP B 73 -9.24 15.35 -8.39
N GLN B 74 -9.07 15.92 -9.59
CA GLN B 74 -7.81 15.80 -10.31
C GLN B 74 -6.64 16.30 -9.45
N VAL B 75 -6.79 17.49 -8.87
CA VAL B 75 -5.75 18.04 -8.01
C VAL B 75 -5.50 17.12 -6.83
N HIS B 76 -6.57 16.67 -6.18
CA HIS B 76 -6.43 15.86 -4.97
C HIS B 76 -5.70 14.56 -5.26
N LEU B 77 -5.98 13.94 -6.40
CA LEU B 77 -5.28 12.71 -6.77
C LEU B 77 -3.80 12.97 -6.99
N LEU B 78 -3.47 14.05 -7.69
CA LEU B 78 -2.06 14.38 -7.92
C LEU B 78 -1.36 14.72 -6.62
N GLU B 79 -2.04 15.46 -5.73
CA GLU B 79 -1.45 15.78 -4.42
C GLU B 79 -1.09 14.51 -3.66
N SER B 80 -1.91 13.47 -3.80
CA SER B 80 -1.71 12.24 -3.05
CA SER B 80 -1.71 12.24 -3.05
C SER B 80 -0.73 11.28 -3.71
N ALA B 81 -0.61 11.32 -5.04
CA ALA B 81 0.13 10.33 -5.79
C ALA B 81 1.49 10.78 -6.30
N TRP B 82 1.81 12.08 -6.26
CA TRP B 82 2.92 12.57 -7.08
C TRP B 82 4.24 11.88 -6.72
N LEU B 83 4.51 11.65 -5.44
CA LEU B 83 5.79 11.03 -5.10
C LEU B 83 5.80 9.54 -5.44
N GLU B 84 4.66 8.86 -5.23
CA GLU B 84 4.56 7.48 -5.68
C GLU B 84 4.86 7.36 -7.17
N ILE B 85 4.33 8.29 -7.96
CA ILE B 85 4.51 8.24 -9.41
CA ILE B 85 4.51 8.23 -9.40
C ILE B 85 5.96 8.50 -9.78
N LEU B 86 6.59 9.48 -9.13
CA LEU B 86 8.02 9.71 -9.36
C LEU B 86 8.80 8.44 -9.02
N MET B 87 8.44 7.79 -7.91
CA MET B 87 9.20 6.63 -7.46
C MET B 87 9.03 5.43 -8.39
N ILE B 88 7.80 5.18 -8.88
CA ILE B 88 7.66 4.02 -9.76
C ILE B 88 8.37 4.27 -11.08
N GLY B 89 8.39 5.51 -11.56
CA GLY B 89 9.19 5.83 -12.73
C GLY B 89 10.66 5.57 -12.49
N LEU B 90 11.17 5.97 -11.34
CA LEU B 90 12.56 5.70 -10.98
CA LEU B 90 12.56 5.70 -10.98
C LEU B 90 12.83 4.19 -11.00
N VAL B 91 11.96 3.42 -10.35
CA VAL B 91 12.14 1.97 -10.28
C VAL B 91 12.16 1.37 -11.68
N TRP B 92 11.28 1.85 -12.56
CA TRP B 92 11.26 1.36 -13.94
C TRP B 92 12.57 1.67 -14.65
N ARG B 93 13.03 2.92 -14.55
CA ARG B 93 14.27 3.31 -15.19
C ARG B 93 15.46 2.49 -14.70
N SER B 94 15.41 2.03 -13.44
CA SER B 94 16.52 1.35 -12.81
C SER B 94 16.48 -0.16 -12.99
N MET B 95 15.43 -0.68 -13.61
CA MET B 95 15.24 -2.12 -13.73
CA MET B 95 15.25 -2.13 -13.71
C MET B 95 16.48 -2.81 -14.28
N ASP B 96 16.99 -2.33 -15.41
CA ASP B 96 18.11 -2.95 -16.09
C ASP B 96 19.47 -2.54 -15.54
N HIS B 97 19.52 -2.02 -14.31
CA HIS B 97 20.77 -1.56 -13.69
C HIS B 97 20.82 -2.10 -12.27
N PRO B 98 21.13 -3.39 -12.09
CA PRO B 98 21.16 -3.96 -10.75
C PRO B 98 22.01 -3.15 -9.79
N GLY B 99 21.49 -2.92 -8.59
CA GLY B 99 22.19 -2.22 -7.54
C GLY B 99 22.28 -0.72 -7.71
N LYS B 100 21.67 -0.16 -8.76
CA LYS B 100 21.76 1.27 -9.04
C LYS B 100 20.36 1.86 -9.17
N LEU B 101 20.27 3.16 -8.89
CA LEU B 101 19.04 3.92 -9.11
C LEU B 101 19.34 4.97 -10.18
N LEU B 102 18.67 4.83 -11.33
CA LEU B 102 18.89 5.72 -12.47
C LEU B 102 17.88 6.86 -12.38
N PHE B 103 18.24 7.86 -11.56
CA PHE B 103 17.38 9.04 -11.42
C PHE B 103 17.27 9.77 -12.75
N ALA B 104 18.36 9.83 -13.49
CA ALA B 104 18.39 10.39 -14.83
C ALA B 104 19.53 9.74 -15.58
N PRO B 105 19.56 9.86 -16.90
CA PRO B 105 20.68 9.27 -17.65
C PRO B 105 22.03 9.79 -17.21
N ASP B 106 22.09 10.97 -16.61
CA ASP B 106 23.33 11.55 -16.12
C ASP B 106 23.42 11.52 -14.60
N LEU B 107 22.56 10.75 -13.92
CA LEU B 107 22.57 10.68 -12.45
C LEU B 107 22.23 9.25 -12.03
N LEU B 108 23.26 8.42 -11.92
CA LEU B 108 23.15 7.04 -11.46
C LEU B 108 23.72 6.97 -10.05
N LEU B 109 22.91 6.56 -9.08
CA LEU B 109 23.32 6.54 -7.68
C LEU B 109 23.18 5.15 -7.10
N ASP B 110 24.03 4.83 -6.12
CA ASP B 110 24.03 3.55 -5.45
C ASP B 110 23.81 3.74 -3.95
N ARG B 111 23.68 2.60 -3.24
CA ARG B 111 23.51 2.61 -1.79
C ARG B 111 24.52 3.53 -1.11
N GLU B 112 25.80 3.36 -1.44
CA GLU B 112 26.85 4.09 -0.72
C GLU B 112 26.64 5.58 -0.79
N GLN B 113 26.18 6.07 -1.95
CA GLN B 113 25.93 7.51 -2.06
C GLN B 113 24.73 7.93 -1.22
N GLY B 114 23.73 7.06 -1.10
CA GLY B 114 22.59 7.38 -0.24
C GLY B 114 22.96 7.47 1.22
N LYS B 115 23.99 6.73 1.64
CA LYS B 115 24.39 6.73 3.04
C LYS B 115 24.79 8.11 3.54
N SER B 116 25.17 9.02 2.64
CA SER B 116 25.67 10.32 3.07
C SER B 116 24.56 11.21 3.60
N VAL B 117 23.30 10.87 3.36
CA VAL B 117 22.16 11.65 3.82
C VAL B 117 21.37 10.77 4.78
N GLU B 118 21.25 11.23 6.03
CA GLU B 118 20.55 10.44 7.03
C GLU B 118 19.13 10.13 6.58
N GLY B 119 18.76 8.86 6.65
CA GLY B 119 17.44 8.41 6.29
C GLY B 119 17.25 8.05 4.82
N MET B 120 18.23 8.35 3.98
CA MET B 120 18.07 8.10 2.55
C MET B 120 18.38 6.66 2.18
N VAL B 121 19.37 6.04 2.84
CA VAL B 121 19.75 4.69 2.44
C VAL B 121 18.59 3.72 2.65
N GLU B 122 17.79 3.92 3.70
CA GLU B 122 16.67 3.04 3.95
C GLU B 122 15.70 3.07 2.77
N ILE B 123 15.44 4.26 2.24
CA ILE B 123 14.51 4.39 1.13
C ILE B 123 15.15 3.90 -0.18
N PHE B 124 16.44 4.19 -0.38
CA PHE B 124 17.15 3.62 -1.52
C PHE B 124 17.02 2.10 -1.53
N ASP B 125 17.23 1.45 -0.38
CA ASP B 125 17.15 0.00 -0.32
C ASP B 125 15.76 -0.49 -0.72
N MET B 126 14.71 0.22 -0.29
CA MET B 126 13.36 -0.16 -0.67
C MET B 126 13.14 0.02 -2.17
N LEU B 127 13.66 1.11 -2.74
CA LEU B 127 13.52 1.34 -4.17
C LEU B 127 14.28 0.29 -4.96
N LEU B 128 15.51 -0.01 -4.52
CA LEU B 128 16.30 -1.05 -5.18
C LEU B 128 15.61 -2.40 -5.10
N ALA B 129 14.98 -2.70 -3.96
CA ALA B 129 14.28 -3.97 -3.81
C ALA B 129 13.11 -4.07 -4.79
N THR B 130 12.43 -2.94 -5.03
CA THR B 130 11.32 -2.93 -5.98
C THR B 130 11.83 -3.10 -7.40
N SER B 131 12.93 -2.43 -7.74
CA SER B 131 13.51 -2.59 -9.07
C SER B 131 13.94 -4.04 -9.29
N GLU B 132 14.53 -4.66 -8.27
CA GLU B 132 14.88 -6.08 -8.37
C GLU B 132 13.64 -6.93 -8.61
N ARG B 133 12.55 -6.63 -7.90
CA ARG B 133 11.32 -7.39 -8.10
C ARG B 133 10.78 -7.21 -9.51
N PHE B 134 10.79 -5.98 -10.02
CA PHE B 134 10.34 -5.75 -11.40
C PHE B 134 11.22 -6.52 -12.39
N ARG B 135 12.54 -6.52 -12.15
CA ARG B 135 13.45 -7.23 -13.05
C ARG B 135 13.17 -8.73 -13.04
N GLU B 136 13.01 -9.31 -11.85
CA GLU B 136 12.76 -10.74 -11.74
C GLU B 136 11.45 -11.13 -12.42
N MET B 137 10.43 -10.28 -12.31
CA MET B 137 9.15 -10.55 -12.94
C MET B 137 9.13 -10.17 -14.41
N LYS B 138 10.20 -9.57 -14.94
CA LYS B 138 10.25 -9.10 -16.32
C LYS B 138 9.02 -8.24 -16.61
N LEU B 139 8.81 -7.23 -15.76
CA LEU B 139 7.70 -6.32 -15.94
C LEU B 139 7.74 -5.69 -17.33
N GLN B 140 6.61 -5.70 -18.01
CA GLN B 140 6.52 -5.15 -19.35
C GLN B 140 6.01 -3.71 -19.31
N ARG B 141 6.39 -2.94 -20.32
CA ARG B 141 5.98 -1.53 -20.37
C ARG B 141 4.47 -1.39 -20.28
N GLU B 142 3.73 -2.30 -20.93
CA GLU B 142 2.27 -2.23 -20.86
C GLU B 142 1.77 -2.44 -19.44
N GLU B 143 2.43 -3.30 -18.66
CA GLU B 143 2.03 -3.48 -17.28
C GLU B 143 2.42 -2.28 -16.42
N PHE B 144 3.60 -1.72 -16.67
CA PHE B 144 4.06 -0.55 -15.93
C PHE B 144 3.09 0.62 -16.08
N VAL B 145 2.68 0.92 -17.32
CA VAL B 145 1.82 2.09 -17.49
C VAL B 145 0.46 1.87 -16.83
N CYS B 146 -0.04 0.63 -16.84
CA CYS B 146 -1.27 0.34 -16.11
C CYS B 146 -1.08 0.54 -14.61
N LEU B 147 0.02 0.05 -14.07
CA LEU B 147 0.27 0.24 -12.64
C LEU B 147 0.36 1.72 -12.29
N LYS B 148 1.03 2.52 -13.13
CA LYS B 148 1.17 3.94 -12.82
C LYS B 148 -0.18 4.64 -12.81
N ALA B 149 -1.05 4.29 -13.75
CA ALA B 149 -2.40 4.86 -13.75
C ALA B 149 -3.20 4.42 -12.54
N ILE B 150 -3.06 3.16 -12.12
CA ILE B 150 -3.74 2.69 -10.92
C ILE B 150 -3.29 3.48 -9.70
N ILE B 151 -1.98 3.74 -9.60
CA ILE B 151 -1.45 4.53 -8.49
C ILE B 151 -2.12 5.89 -8.45
N LEU B 152 -2.21 6.56 -9.60
CA LEU B 152 -2.83 7.87 -9.66
C LEU B 152 -4.25 7.83 -9.14
N LEU B 153 -5.04 6.85 -9.59
CA LEU B 153 -6.46 6.82 -9.30
C LEU B 153 -6.78 6.26 -7.93
N ASN B 154 -5.90 5.44 -7.37
CA ASN B 154 -6.11 4.84 -6.06
C ASN B 154 -5.48 5.64 -4.93
N SER B 155 -4.95 6.83 -5.21
CA SER B 155 -4.13 7.54 -4.25
C SER B 155 -4.95 8.26 -3.20
N GLY B 156 -6.18 8.65 -3.50
CA GLY B 156 -6.98 9.44 -2.61
C GLY B 156 -7.15 8.82 -1.23
N VAL B 157 -6.83 9.59 -0.18
CA VAL B 157 -6.97 9.08 1.18
C VAL B 157 -8.44 8.86 1.49
N TYR B 158 -8.73 7.75 2.14
CA TYR B 158 -10.11 7.44 2.50
C TYR B 158 -10.67 8.51 3.43
N THR B 159 -11.91 8.92 3.18
CA THR B 159 -12.59 9.92 4.00
C THR B 159 -13.90 9.37 4.54
N SER B 162 -19.79 14.02 5.68
CA SER B 162 -18.83 14.98 5.14
C SER B 162 -18.79 14.93 3.62
N SER B 163 -19.32 13.85 3.04
CA SER B 163 -19.31 13.65 1.61
C SER B 163 -20.50 14.34 0.95
N THR B 164 -20.29 14.80 -0.27
CA THR B 164 -21.32 15.46 -1.06
C THR B 164 -21.67 14.61 -2.27
N LEU B 165 -22.69 15.06 -3.01
CA LEU B 165 -23.06 14.38 -4.25
C LEU B 165 -21.89 14.40 -5.23
N LYS B 166 -21.14 15.50 -5.25
CA LYS B 166 -20.01 15.60 -6.17
C LYS B 166 -18.91 14.60 -5.80
N SER B 167 -18.59 14.47 -4.52
CA SER B 167 -17.52 13.56 -4.12
C SER B 167 -17.92 12.11 -4.38
N LEU B 168 -19.18 11.76 -4.11
CA LEU B 168 -19.65 10.41 -4.39
C LEU B 168 -19.66 10.13 -5.89
N GLU B 169 -20.08 11.11 -6.69
CA GLU B 169 -20.08 10.93 -8.14
C GLU B 169 -18.68 10.64 -8.66
N ASN B 170 -17.68 11.39 -8.18
CA ASN B 170 -16.31 11.16 -8.62
C ASN B 170 -15.75 9.88 -8.04
N LYS B 171 -16.16 9.50 -6.83
CA LYS B 171 -15.70 8.24 -6.27
C LYS B 171 -16.13 7.07 -7.14
N GLU B 172 -17.39 7.07 -7.58
CA GLU B 172 -17.89 5.99 -8.43
C GLU B 172 -17.18 5.99 -9.78
N LYS B 173 -16.93 7.17 -10.36
CA LYS B 173 -16.20 7.23 -11.62
C LYS B 173 -14.81 6.63 -11.47
N ILE B 174 -14.11 6.99 -10.39
CA ILE B 174 -12.77 6.45 -10.15
C ILE B 174 -12.83 4.93 -10.02
N HIS B 175 -13.84 4.43 -9.32
CA HIS B 175 -14.00 2.98 -9.20
CA HIS B 175 -14.00 2.98 -9.19
C HIS B 175 -14.16 2.33 -10.56
N ARG B 176 -14.99 2.92 -11.42
CA ARG B 176 -15.20 2.36 -12.74
C ARG B 176 -13.93 2.42 -13.58
N MET B 177 -13.16 3.49 -13.45
CA MET B 177 -11.90 3.61 -14.19
C MET B 177 -10.89 2.56 -13.73
N LEU B 178 -10.78 2.36 -12.42
CA LEU B 178 -9.86 1.35 -11.89
C LEU B 178 -10.22 -0.03 -12.39
N ASP B 179 -11.53 -0.34 -12.46
CA ASP B 179 -11.96 -1.63 -12.97
C ASP B 179 -11.52 -1.83 -14.42
N LYS B 180 -11.60 -0.78 -15.23
CA LYS B 180 -11.22 -0.90 -16.63
C LYS B 180 -9.71 -1.10 -16.78
N ILE B 181 -8.92 -0.43 -15.94
CA ILE B 181 -7.46 -0.61 -16.03
C ILE B 181 -7.08 -2.01 -15.54
N THR B 182 -7.74 -2.49 -14.48
CA THR B 182 -7.58 -3.88 -14.07
C THR B 182 -7.87 -4.81 -15.23
N ASP B 183 -9.02 -4.62 -15.89
CA ASP B 183 -9.36 -5.43 -17.06
C ASP B 183 -8.27 -5.37 -18.11
N ALA B 184 -7.68 -4.18 -18.32
CA ALA B 184 -6.66 -4.05 -19.35
C ALA B 184 -5.37 -4.77 -18.94
N LEU B 185 -5.00 -4.67 -17.67
CA LEU B 185 -3.82 -5.37 -17.17
C LEU B 185 -3.99 -6.88 -17.36
N ILE B 186 -5.14 -7.41 -16.95
CA ILE B 186 -5.43 -8.84 -17.15
C ILE B 186 -5.42 -9.19 -18.63
N TRP B 187 -6.05 -8.36 -19.47
CA TRP B 187 -6.11 -8.66 -20.89
C TRP B 187 -4.71 -8.75 -21.48
N TYR B 188 -3.83 -7.82 -21.10
CA TYR B 188 -2.47 -7.88 -21.63
C TYR B 188 -1.81 -9.21 -21.27
N MET B 189 -1.99 -9.67 -20.03
CA MET B 189 -1.41 -10.94 -19.63
C MET B 189 -2.00 -12.10 -20.44
N ALA B 190 -3.30 -12.07 -20.67
CA ALA B 190 -3.94 -13.12 -21.46
C ALA B 190 -3.45 -13.09 -22.90
N LYS B 191 -3.42 -11.90 -23.51
CA LYS B 191 -2.86 -11.75 -24.85
C LYS B 191 -1.44 -12.29 -24.91
N SER B 192 -0.67 -12.09 -23.84
CA SER B 192 0.72 -12.53 -23.79
C SER B 192 0.85 -14.04 -23.61
N GLY B 193 -0.25 -14.75 -23.41
CA GLY B 193 -0.23 -16.19 -23.33
C GLY B 193 -0.26 -16.79 -21.95
N LEU B 194 -0.41 -15.99 -20.91
CA LEU B 194 -0.39 -16.51 -19.55
C LEU B 194 -1.63 -17.35 -19.28
N SER B 195 -1.46 -18.42 -18.50
CA SER B 195 -2.61 -19.22 -18.07
C SER B 195 -3.46 -18.41 -17.12
N LEU B 196 -4.73 -18.82 -16.99
CA LEU B 196 -5.63 -18.16 -16.06
C LEU B 196 -5.03 -18.11 -14.65
N GLN B 197 -4.42 -19.22 -14.22
CA GLN B 197 -3.83 -19.25 -12.88
C GLN B 197 -2.67 -18.25 -12.79
N GLN B 198 -1.82 -18.20 -13.82
CA GLN B 198 -0.74 -17.22 -13.82
C GLN B 198 -1.27 -15.80 -13.88
N GLN B 199 -2.42 -15.59 -14.53
CA GLN B 199 -2.97 -14.25 -14.66
C GLN B 199 -3.32 -13.67 -13.29
N HIS B 200 -4.04 -14.43 -12.45
CA HIS B 200 -4.44 -13.92 -11.14
CA HIS B 200 -4.44 -13.85 -11.17
C HIS B 200 -3.26 -13.81 -10.20
N GLN B 201 -2.32 -14.76 -10.29
CA GLN B 201 -1.15 -14.70 -9.42
C GLN B 201 -0.31 -13.47 -9.74
N ARG B 202 -0.09 -13.19 -11.03
CA ARG B 202 0.73 -12.06 -11.42
C ARG B 202 0.02 -10.74 -11.15
N LEU B 203 -1.29 -10.68 -11.41
CA LEU B 203 -2.05 -9.49 -11.05
C LEU B 203 -1.91 -9.21 -9.56
N ALA B 204 -2.10 -10.23 -8.72
CA ALA B 204 -2.00 -10.04 -7.27
C ALA B 204 -0.60 -9.58 -6.88
N GLN B 205 0.43 -10.23 -7.41
CA GLN B 205 1.80 -9.82 -7.06
C GLN B 205 2.06 -8.38 -7.46
N LEU B 206 1.60 -7.97 -8.64
CA LEU B 206 1.83 -6.59 -9.10
C LEU B 206 1.07 -5.59 -8.23
N LEU B 207 -0.20 -5.88 -7.92
CA LEU B 207 -0.97 -4.93 -7.12
C LEU B 207 -0.44 -4.88 -5.68
N LEU B 208 0.10 -5.99 -5.19
CA LEU B 208 0.69 -5.98 -3.86
C LEU B 208 1.95 -5.12 -3.81
N ILE B 209 2.69 -5.02 -4.92
CA ILE B 209 3.85 -4.13 -4.93
C ILE B 209 3.40 -2.69 -4.73
N LEU B 210 2.18 -2.35 -5.13
CA LEU B 210 1.68 -0.98 -4.94
C LEU B 210 1.58 -0.63 -3.46
N SER B 211 1.34 -1.61 -2.59
CA SER B 211 1.36 -1.32 -1.16
CA SER B 211 1.36 -1.33 -1.16
C SER B 211 2.76 -0.92 -0.71
N HIS B 212 3.79 -1.56 -1.27
CA HIS B 212 5.16 -1.20 -0.95
C HIS B 212 5.50 0.20 -1.48
N ILE B 213 5.02 0.53 -2.69
CA ILE B 213 5.29 1.85 -3.23
C ILE B 213 4.61 2.92 -2.39
N ARG B 214 3.41 2.64 -1.90
CA ARG B 214 2.74 3.54 -0.96
C ARG B 214 3.61 3.75 0.28
N HIS B 215 4.12 2.67 0.84
CA HIS B 215 4.98 2.75 2.02
C HIS B 215 6.22 3.59 1.74
N MET B 216 6.86 3.38 0.59
CA MET B 216 8.04 4.17 0.25
C MET B 216 7.70 5.64 0.12
N SER B 217 6.56 5.96 -0.49
CA SER B 217 6.16 7.37 -0.60
C SER B 217 5.96 7.99 0.77
N ASN B 218 5.30 7.28 1.69
CA ASN B 218 5.10 7.82 3.03
C ASN B 218 6.44 8.06 3.73
N LYS B 219 7.35 7.11 3.63
CA LYS B 219 8.66 7.29 4.25
C LYS B 219 9.44 8.41 3.56
N GLY B 220 9.31 8.51 2.24
CA GLY B 220 9.97 9.58 1.51
C GLY B 220 9.47 10.95 1.91
N MET B 221 8.15 11.09 2.10
CA MET B 221 7.59 12.36 2.56
C MET B 221 8.13 12.70 3.95
N GLU B 222 8.14 11.73 4.86
CA GLU B 222 8.77 11.97 6.16
C GLU B 222 10.18 12.48 6.00
N HIS B 223 10.94 11.90 5.07
CA HIS B 223 12.33 12.27 4.88
C HIS B 223 12.46 13.69 4.33
N LEU B 224 11.66 14.02 3.31
CA LEU B 224 11.72 15.36 2.74
C LEU B 224 11.41 16.42 3.79
N TYR B 225 10.42 16.17 4.65
CA TYR B 225 10.08 17.15 5.67
C TYR B 225 11.20 17.30 6.71
N SER B 226 11.99 16.25 6.94
CA SER B 226 13.11 16.36 7.84
C SER B 226 14.31 17.06 7.23
N MET B 227 14.33 17.21 5.89
CA MET B 227 15.35 17.96 5.20
C MET B 227 14.95 19.40 4.91
N LYS B 228 13.70 19.62 4.49
CA LYS B 228 13.18 20.94 4.18
C LYS B 228 11.99 21.23 5.08
N SER B 229 12.04 22.38 5.78
CA SER B 229 10.95 22.75 6.67
C SER B 229 9.64 22.88 5.88
N LYS B 230 9.66 23.66 4.81
CA LYS B 230 8.47 23.91 4.01
C LYS B 230 8.86 23.86 2.53
N ASN B 231 7.88 24.13 1.66
CA ASN B 231 8.08 24.06 0.22
C ASN B 231 8.49 22.65 -0.20
N VAL B 232 7.77 21.66 0.33
CA VAL B 232 8.04 20.26 0.07
C VAL B 232 6.99 19.64 -0.83
N VAL B 233 5.71 19.95 -0.59
CA VAL B 233 4.62 19.41 -1.39
C VAL B 233 4.21 20.45 -2.43
N PRO B 234 3.77 20.05 -3.63
CA PRO B 234 3.25 21.03 -4.58
C PRO B 234 1.97 21.66 -4.06
N SER B 235 1.90 22.99 -4.10
CA SER B 235 0.73 23.69 -3.59
C SER B 235 -0.50 23.39 -4.43
N TYR B 236 -1.67 23.48 -3.79
CA TYR B 236 -2.92 23.29 -4.50
C TYR B 236 -3.01 24.24 -5.69
N ASP B 237 -2.71 25.52 -5.46
CA ASP B 237 -2.76 26.50 -6.54
C ASP B 237 -1.79 26.13 -7.66
N LEU B 238 -0.61 25.61 -7.31
CA LEU B 238 0.37 25.23 -8.33
C LEU B 238 -0.19 24.12 -9.23
N LEU B 239 -0.76 23.09 -8.62
CA LEU B 239 -1.28 21.97 -9.40
C LEU B 239 -2.45 22.41 -10.27
N LEU B 240 -3.38 23.17 -9.70
CA LEU B 240 -4.52 23.66 -10.47
C LEU B 240 -4.06 24.51 -11.64
N GLU B 241 -3.03 25.34 -11.41
CA GLU B 241 -2.49 26.16 -12.48
C GLU B 241 -1.98 25.30 -13.63
N MET B 242 -1.22 24.24 -13.31
CA MET B 242 -0.68 23.37 -14.34
C MET B 242 -1.78 22.59 -15.04
N LEU B 243 -2.79 22.15 -14.30
CA LEU B 243 -3.89 21.41 -14.91
C LEU B 243 -4.68 22.27 -15.89
N ASP B 244 -4.92 23.53 -15.54
CA ASP B 244 -5.73 24.41 -16.36
C ASP B 244 -5.01 24.86 -17.63
N ALA B 245 -3.69 24.82 -17.64
CA ALA B 245 -2.93 25.27 -18.80
C ALA B 245 -3.34 24.47 -20.03
N HIS B 246 -3.49 25.18 -21.15
CA HIS B 246 -3.82 24.56 -22.43
C HIS B 246 -2.55 24.34 -23.25
N ARG B 247 -1.66 23.53 -22.68
CA ARG B 247 -0.35 23.28 -23.27
C ARG B 247 -0.48 22.81 -24.73
C1 RAL C . -5.98 -1.60 19.28
C2 RAL C . -6.54 -2.87 19.16
C3 RAL C . -7.04 -3.30 17.90
O3 RAL C . -7.59 -4.56 17.80
C4 RAL C . -6.99 -2.48 16.77
C5 RAL C . -6.44 -1.20 16.91
S6 RAL C . -6.24 0.04 15.69
C7 RAL C . -5.49 1.16 16.81
C8 RAL C . -5.03 2.53 16.42
C9 RAL C . -5.87 3.36 15.67
C10 RAL C . -5.47 4.65 15.30
C11 RAL C . -4.21 5.11 15.68
O11 RAL C . -3.81 6.37 15.31
C12 RAL C . -3.35 4.31 16.42
C13 RAL C . -3.77 3.01 16.79
C14 RAL C . -5.93 -0.76 18.15
C15 RAL C . -5.41 0.58 18.06
C16 RAL C . -4.81 1.24 19.28
O16 RAL C . -5.43 2.08 19.91
C17 RAL C . -3.42 0.82 19.66
C18 RAL C . -2.83 1.37 20.82
C19 RAL C . -1.54 1.01 21.22
C20 RAL C . -0.84 0.07 20.43
C21 RAL C . -1.43 -0.50 19.27
C22 RAL C . -2.72 -0.12 18.88
O23 RAL C . 0.47 -0.31 20.83
C24 RAL C . 0.43 -0.90 22.15
C25 RAL C . 1.86 -1.30 22.65
N26 RAL C . 2.57 -2.35 21.77
C27 RAL C . 1.56 -3.34 21.25
C28 RAL C . 2.26 -4.49 20.54
C29 RAL C . 3.25 -5.19 21.47
C30 RAL C . 4.28 -4.16 21.94
C31 RAL C . 3.52 -3.06 22.71
H1 RAL C . -5.65 -1.31 20.09
H2 RAL C . -6.57 -3.44 19.89
HO3 RAL C . -6.93 -5.09 17.72
H4 RAL C . -7.33 -2.81 15.97
H9 RAL C . -6.71 3.06 15.42
H10 RAL C . -6.03 5.20 14.80
HO1 RAL C . -4.33 6.90 15.71
H12 RAL C . -2.51 4.63 16.65
H13 RAL C . -3.18 2.49 17.29
H18 RAL C . -3.31 2.00 21.33
H19 RAL C . -1.15 1.39 21.99
H21 RAL C . -0.97 -1.11 18.75
H22 RAL C . -3.08 -0.51 18.12
H241 RAL C . -0.14 -1.69 22.14
H242 RAL C . 0.03 -0.26 22.77
H251 RAL C . 1.74 -1.59 23.57
H252 RAL C . 2.36 -0.46 22.70
H271 RAL C . 0.93 -2.92 20.65
H272 RAL C . 1.01 -3.69 21.98
H281 RAL C . 1.58 -5.12 20.21
H282 RAL C . 2.70 -4.15 19.74
H291 RAL C . 3.69 -5.93 21.02
H292 RAL C . 2.80 -5.58 22.23
H301 RAL C . 4.96 -4.55 22.51
H302 RAL C . 4.77 -3.77 21.20
H311 RAL C . 4.13 -2.43 23.10
H312 RAL C . 3.03 -3.43 23.45
H261 RAL C . 2.96 -1.98 21.06
C1 EDO D . -17.80 2.63 24.80
O1 EDO D . -18.47 3.57 23.95
C2 EDO D . -18.72 1.43 25.03
O2 EDO D . -18.99 0.76 23.80
H11 EDO D . -17.56 3.09 25.75
H12 EDO D . -16.88 2.30 24.33
HO1 EDO D . -17.85 4.25 23.67
H21 EDO D . -19.66 1.76 25.49
H22 EDO D . -18.24 0.73 25.73
HO2 EDO D . -19.62 0.06 23.94
C1 EDO E . 15.07 -21.11 13.28
O1 EDO E . 15.63 -19.98 12.61
C2 EDO E . 14.50 -22.10 12.27
O2 EDO E . 13.25 -22.60 12.74
H11 EDO E . 15.84 -21.60 13.87
H12 EDO E . 14.28 -20.79 13.95
HO1 EDO E . 16.02 -19.38 13.26
H21 EDO E . 15.20 -22.93 12.13
H22 EDO E . 14.37 -21.61 11.30
HO2 EDO E . 12.89 -23.22 12.10
C1 EDO F . 10.89 -23.37 15.83
O1 EDO F . 11.69 -23.32 14.64
C2 EDO F . 10.53 -21.95 16.25
O2 EDO F . 9.29 -21.95 16.96
H11 EDO F . 9.98 -23.95 15.64
H12 EDO F . 11.44 -23.87 16.62
HO1 EDO F . 11.89 -24.21 14.34
H21 EDO F . 10.44 -21.32 15.35
H22 EDO F . 11.32 -21.54 16.87
HO2 EDO F . 9.07 -21.05 17.21
CL CL G . -10.83 -10.91 26.90
CL CL H . -5.92 -13.48 26.33
CL CL I . -17.95 -13.24 -3.21
C1 RAL J . 13.39 12.64 -7.57
C2 RAL J . 12.99 12.40 -8.88
C3 RAL J . 12.47 11.14 -9.23
O3 RAL J . 12.08 10.92 -10.55
C4 RAL J . 12.33 10.10 -8.31
C5 RAL J . 12.73 10.35 -6.99
S6 RAL J . 12.68 9.27 -5.60
C7 RAL J . 13.34 10.48 -4.53
C8 RAL J . 13.66 10.25 -3.09
C9 RAL J . 13.29 11.08 -2.04
C10 RAL J . 13.69 10.77 -0.72
C11 RAL J . 14.48 9.64 -0.48
O11 RAL J . 14.88 9.31 0.79
C12 RAL J . 14.87 8.81 -1.52
C13 RAL J . 14.46 9.13 -2.82
C14 RAL J . 13.24 11.61 -6.62
C15 RAL J . 13.60 11.65 -5.21
C16 RAL J . 14.18 12.88 -4.56
O16 RAL J . 15.33 12.90 -4.16
C17 RAL J . 13.24 14.04 -4.37
C18 RAL J . 13.77 15.30 -4.01
C19 RAL J . 12.92 16.40 -3.83
C20 RAL J . 11.53 16.22 -4.02
C21 RAL J . 11.01 14.96 -4.37
C22 RAL J . 11.87 13.86 -4.55
O23 RAL J . 10.63 17.30 -3.83
C24 RAL J . 11.20 18.61 -4.08
C25 RAL J . 10.17 19.71 -3.65
N26 RAL J . 9.23 20.05 -4.83
C27 RAL J . 8.33 21.15 -4.31
C28 RAL J . 7.43 21.60 -5.44
C29 RAL J . 6.54 20.44 -5.88
C30 RAL J . 7.40 19.24 -6.29
C31 RAL J . 8.40 18.87 -5.17
H1 RAL J . 13.73 13.46 -7.32
H2 RAL J . 13.06 13.07 -9.52
HO3 RAL J . 12.62 11.36 -11.03
H4 RAL J . 11.98 9.29 -8.59
H9 RAL J . 12.78 11.84 -2.19
H10 RAL J . 13.43 11.31 -0.01
HO1 RAL J . 14.29 9.63 1.31
H12 RAL J . 15.39 8.07 -1.34
H13 RAL J . 14.75 8.57 -3.51
H18 RAL J . 14.69 15.40 -3.90
H19 RAL J . 13.27 17.24 -3.59
H21 RAL J . 10.10 14.81 -4.49
H22 RAL J . 11.47 13.04 -4.79
H241 RAL J . 11.42 18.70 -5.02
H242 RAL J . 12.03 18.70 -3.57
H251 RAL J . 10.68 20.46 -3.33
H252 RAL J . 9.69 19.36 -2.88
H271 RAL J . 8.85 21.91 -3.97
H272 RAL J . 7.80 20.85 -3.56
H281 RAL J . 6.90 22.36 -5.14
H282 RAL J . 7.98 21.95 -6.17
H291 RAL J . 5.96 20.71 -6.62
H292 RAL J . 5.93 20.19 -5.17
H301 RAL J . 7.90 19.43 -7.11
H302 RAL J . 6.86 18.46 -6.50
H311 RAL J . 7.93 18.56 -4.38
H312 RAL J . 8.97 18.13 -5.43
H261 RAL J . 9.70 20.33 -5.54
C1 EDO K . -1.31 -1.70 -27.85
O1 EDO K . -0.35 -0.95 -27.10
C2 EDO K . -2.29 -2.38 -26.91
O2 EDO K . -1.73 -3.62 -26.44
H11 EDO K . -0.79 -2.45 -28.46
H12 EDO K . -1.85 -1.03 -28.53
HO1 EDO K . 0.22 -0.45 -27.70
H21 EDO K . -3.23 -2.58 -27.43
H22 EDO K . -2.50 -1.74 -26.06
HO2 EDO K . -2.35 -4.04 -25.84
C1 EDO L . 9.40 6.12 -18.19
O1 EDO L . 8.11 6.51 -17.69
C2 EDO L . 10.46 6.32 -17.11
O2 EDO L . 10.27 7.60 -16.48
H11 EDO L . 9.37 5.07 -18.48
H12 EDO L . 9.65 6.71 -19.07
HO1 EDO L . 7.45 6.40 -18.39
H21 EDO L . 11.45 6.28 -17.56
H22 EDO L . 10.38 5.53 -16.37
HO2 EDO L . 11.12 8.02 -16.35
C1 EDO M . 1.55 2.22 -28.88
O1 EDO M . 0.93 0.93 -28.81
C2 EDO M . 0.51 3.28 -28.58
O2 EDO M . 1.06 4.58 -28.85
H11 EDO M . 2.37 2.28 -28.16
H12 EDO M . 1.96 2.37 -29.88
HO1 EDO M . 1.58 0.24 -29.02
H21 EDO M . 0.19 3.21 -27.54
H22 EDO M . -0.38 3.13 -29.20
HO2 EDO M . 0.36 5.24 -28.80
C1 EDO N . 26.58 10.50 -11.44
O1 EDO N . 25.95 9.50 -12.24
C2 EDO N . 26.77 9.98 -10.02
O2 EDO N . 27.48 8.73 -10.06
H11 EDO N . 27.54 10.77 -11.86
H12 EDO N . 25.96 11.40 -11.42
HO1 EDO N . 25.84 9.83 -13.15
H21 EDO N . 27.33 10.70 -9.42
H22 EDO N . 25.80 9.83 -9.54
HO2 EDO N . 27.56 8.37 -9.16
C1 EDO O . 4.34 -11.48 -20.20
O1 EDO O . 4.35 -10.40 -21.14
C2 EDO O . 3.69 -11.03 -18.90
O2 EDO O . 2.32 -10.66 -19.15
H11 EDO O . 5.37 -11.80 -20.00
H12 EDO O . 3.79 -12.33 -20.61
HO1 EDO O . 4.81 -10.69 -21.94
H21 EDO O . 4.22 -10.17 -18.49
H22 EDO O . 3.73 -11.82 -18.16
HO2 EDO O . 1.91 -10.37 -18.33
#